data_3TBD
#
_entry.id   3TBD
#
_cell.length_a   63.134
_cell.length_b   63.134
_cell.length_c   190.640
_cell.angle_alpha   90.00
_cell.angle_beta   90.00
_cell.angle_gamma   120.00
#
_symmetry.space_group_name_H-M   'P 32 2 1'
#
loop_
_entity.id
_entity.type
_entity.pdbx_description
1 polymer Netrin-G2
2 branched 2-acetamido-2-deoxy-beta-D-glucopyranose-(1-4)-2-acetamido-2-deoxy-beta-D-glucopyranose
3 non-polymer 'CALCIUM ION'
4 non-polymer 'PHOSPHATE ION'
5 non-polymer 'CHLORIDE ION'
6 water water
#
_entity_poly.entity_id   1
_entity_poly.type   'polypeptide(L)'
_entity_poly.pdbx_seq_one_letter_code
;DYDICKSWVTTDEGPTWEFYACQPKVMRLKDYVKVKVEPSGITCGDPPERFCSHENPYLCSNECDASNPDLAHPPRLMFD
KEEEGLATYWQSITWSRYPSPLEANITLSWNKTVELTDDVVMTFEYGRPTVMVLEKSLDNGRTWQPYQFYAEDCMEAFGM
SARRARDMSSSSAHRVLCTEEYSRWAGSKKEKHVRFEVRDRFAIFAGPDLRNMDNLYTRLESAKGLKEFFTLTDLRMRLL
RPALGGTYVQRENLYKYFYAISNIEVIGRCKCNLHANLCSMREGSLQCECEHNTTGPDCGKCKKNFRTRSWRAGSYLPLP
HGSPNACAAAGSHHHHHH
;
_entity_poly.pdbx_strand_id   A
#
# COMPACT_ATOMS: atom_id res chain seq x y z
N ASP A 1 18.51 9.35 -2.95
CA ASP A 1 18.60 10.48 -3.97
C ASP A 1 17.83 11.68 -3.41
N TYR A 2 18.13 12.95 -3.81
CA TYR A 2 17.32 14.09 -3.31
C TYR A 2 17.30 14.01 -1.78
N ASP A 3 18.49 13.84 -1.19
CA ASP A 3 18.57 13.54 0.23
CA ASP A 3 18.64 13.54 0.22
C ASP A 3 18.71 14.72 1.18
N ILE A 4 19.16 15.88 0.66
CA ILE A 4 19.47 17.05 1.50
C ILE A 4 18.57 18.19 1.12
N CYS A 5 17.95 18.88 2.08
CA CYS A 5 17.03 19.97 1.70
C CYS A 5 17.79 21.32 1.61
N LYS A 6 18.85 21.47 2.41
CA LYS A 6 19.45 22.83 2.50
C LYS A 6 20.91 22.64 2.95
N SER A 7 21.75 23.60 2.56
N SER A 7 21.77 23.60 2.64
CA SER A 7 23.13 23.64 2.98
CA SER A 7 23.11 23.56 3.17
C SER A 7 23.43 25.06 3.49
C SER A 7 23.62 24.97 3.35
N TRP A 8 24.30 25.16 4.48
CA TRP A 8 24.72 26.48 4.97
C TRP A 8 26.10 26.81 4.29
N VAL A 9 26.13 27.82 3.45
CA VAL A 9 27.30 28.18 2.64
C VAL A 9 27.58 29.67 2.86
N THR A 10 28.67 30.18 2.32
CA THR A 10 28.94 31.59 2.47
C THR A 10 29.20 32.18 1.09
N THR A 11 28.36 33.16 0.75
CA THR A 11 28.50 34.00 -0.44
C THR A 11 28.69 35.43 0.09
N ASP A 12 29.08 36.37 -0.76
CA ASP A 12 29.02 37.76 -0.28
C ASP A 12 27.73 38.36 -0.84
N GLU A 13 26.71 38.64 0.00
CA GLU A 13 26.72 38.82 1.49
C GLU A 13 26.89 37.84 2.68
N GLY A 14 28.02 37.12 2.74
CA GLY A 14 28.35 36.17 3.83
C GLY A 14 27.46 34.91 3.90
N PRO A 15 27.23 34.42 5.13
CA PRO A 15 26.60 33.13 5.36
C PRO A 15 25.15 33.09 4.93
N THR A 16 24.75 32.02 4.22
CA THR A 16 23.34 31.91 3.80
C THR A 16 22.96 30.42 3.52
N TRP A 17 21.66 30.13 3.52
CA TRP A 17 21.23 28.77 3.15
C TRP A 17 21.11 28.66 1.61
N GLU A 18 21.50 27.51 1.06
CA GLU A 18 21.12 27.15 -0.32
CA GLU A 18 21.10 27.16 -0.30
C GLU A 18 20.15 25.95 -0.21
N PHE A 19 19.13 25.95 -1.01
CA PHE A 19 18.05 24.92 -0.95
C PHE A 19 18.11 23.96 -2.06
N TYR A 20 17.70 22.72 -1.78
CA TYR A 20 17.64 21.71 -2.83
C TYR A 20 16.36 20.88 -2.69
N ALA A 21 15.86 20.39 -3.83
CA ALA A 21 14.69 19.45 -3.81
C ALA A 21 15.03 18.23 -2.91
N CYS A 22 14.07 17.80 -2.08
CA CYS A 22 14.44 16.75 -1.16
C CYS A 22 13.23 15.89 -0.80
N GLN A 23 13.51 14.62 -0.45
CA GLN A 23 12.43 13.71 0.01
C GLN A 23 12.86 12.85 1.18
N PRO A 24 11.90 12.42 2.02
CA PRO A 24 12.25 11.63 3.20
C PRO A 24 12.54 10.13 2.82
N LYS A 25 13.06 9.39 3.79
CA LYS A 25 13.50 8.03 3.51
CA LYS A 25 13.50 8.01 3.59
C LYS A 25 12.28 7.08 3.43
N VAL A 26 12.51 5.97 2.74
CA VAL A 26 11.52 4.89 2.65
C VAL A 26 11.39 4.27 4.03
N MET A 27 10.14 3.93 4.36
CA MET A 27 9.73 3.38 5.65
C MET A 27 8.94 2.06 5.48
N ARG A 28 8.93 1.29 6.56
CA ARG A 28 7.99 0.16 6.69
C ARG A 28 6.67 0.79 7.07
N LEU A 29 5.86 1.11 6.06
CA LEU A 29 4.60 1.81 6.34
C LEU A 29 3.59 0.93 7.14
N LYS A 30 3.73 -0.39 7.16
CA LYS A 30 2.84 -1.15 8.09
C LYS A 30 3.05 -0.80 9.56
N ASP A 31 4.21 -0.21 9.90
CA ASP A 31 4.50 0.12 11.33
C ASP A 31 3.68 1.36 11.77
N TYR A 32 3.08 2.07 10.78
CA TYR A 32 2.32 3.32 11.05
C TYR A 32 0.86 3.23 10.68
N VAL A 33 0.41 2.05 10.28
CA VAL A 33 -0.94 1.99 9.69
C VAL A 33 -2.00 1.86 10.79
N LYS A 34 -3.19 2.35 10.51
CA LYS A 34 -4.34 2.01 11.39
C LYS A 34 -5.30 1.15 10.57
N VAL A 35 -5.73 0.02 11.15
CA VAL A 35 -6.51 -0.94 10.37
C VAL A 35 -7.99 -0.96 10.83
N LYS A 36 -8.89 -1.20 9.91
CA LYS A 36 -10.32 -1.46 10.29
C LYS A 36 -10.68 -2.71 9.54
N VAL A 37 -11.29 -3.72 10.21
CA VAL A 37 -11.75 -4.88 9.49
C VAL A 37 -13.28 -4.94 9.65
N GLU A 38 -13.95 -5.12 8.51
CA GLU A 38 -15.45 -5.08 8.39
C GLU A 38 -15.89 -6.25 7.57
N PRO A 39 -17.18 -6.69 7.69
CA PRO A 39 -18.23 -6.14 8.52
C PRO A 39 -18.05 -6.61 9.99
N SER A 40 -18.78 -6.01 10.94
CA SER A 40 -18.79 -6.47 12.34
CA SER A 40 -18.69 -6.45 12.32
C SER A 40 -18.93 -7.97 12.39
N GLY A 41 -18.12 -8.63 13.23
CA GLY A 41 -18.29 -10.09 13.45
C GLY A 41 -17.47 -10.96 12.43
N ILE A 42 -16.85 -10.33 11.39
CA ILE A 42 -16.10 -11.08 10.41
C ILE A 42 -14.84 -11.82 10.93
N THR A 43 -14.18 -11.30 11.97
CA THR A 43 -13.03 -11.94 12.60
C THR A 43 -13.50 -13.22 13.27
N CYS A 44 -12.72 -14.29 13.16
CA CYS A 44 -13.20 -15.60 13.69
C CYS A 44 -13.24 -15.52 15.27
N GLY A 45 -13.97 -16.43 15.93
CA GLY A 45 -13.58 -16.75 17.31
C GLY A 45 -14.54 -16.25 18.36
N ASP A 46 -15.60 -15.60 17.91
CA ASP A 46 -16.64 -15.07 18.87
C ASP A 46 -18.01 -15.37 18.25
N PRO A 47 -18.58 -16.56 18.55
CA PRO A 47 -18.15 -17.61 19.46
C PRO A 47 -16.99 -18.45 18.88
N PRO A 48 -16.29 -19.24 19.74
CA PRO A 48 -15.25 -20.12 19.25
C PRO A 48 -15.77 -21.02 18.16
N GLU A 49 -14.90 -21.28 17.18
CA GLU A 49 -15.28 -22.02 15.99
C GLU A 49 -14.07 -22.85 15.50
N ARG A 50 -14.28 -24.06 15.02
CA ARG A 50 -13.14 -24.84 14.52
C ARG A 50 -12.91 -24.56 13.03
N PHE A 51 -11.79 -25.02 12.54
CA PHE A 51 -11.47 -24.84 11.10
C PHE A 51 -10.50 -25.91 10.70
N CYS A 52 -10.40 -26.17 9.40
CA CYS A 52 -9.48 -27.18 8.90
C CYS A 52 -8.08 -26.61 8.68
N SER A 53 -7.08 -27.29 9.24
CA SER A 53 -5.69 -26.85 9.11
C SER A 53 -4.70 -27.27 8.04
N HIS A 54 -5.21 -27.53 6.83
CA HIS A 54 -4.36 -27.94 5.72
C HIS A 54 -3.39 -28.98 6.24
N GLU A 55 -3.92 -30.14 6.62
CA GLU A 55 -3.11 -31.23 7.14
C GLU A 55 -3.73 -32.59 6.85
N ASN A 56 -5.05 -32.60 6.70
CA ASN A 56 -5.85 -31.38 6.79
C ASN A 56 -6.12 -30.98 8.24
N PRO A 57 -6.06 -31.95 9.15
CA PRO A 57 -5.75 -33.34 8.76
C PRO A 57 -6.99 -34.21 8.68
N TYR A 58 -7.95 -33.79 7.84
CA TYR A 58 -9.19 -34.53 7.68
C TYR A 58 -10.16 -34.25 8.83
N LEU A 59 -9.63 -34.19 10.04
CA LEU A 59 -10.44 -33.93 11.22
C LEU A 59 -10.99 -32.51 11.22
N CYS A 60 -10.08 -31.54 11.18
CA CYS A 60 -10.48 -30.09 11.19
C CYS A 60 -10.93 -29.69 12.56
N SER A 61 -10.06 -29.88 13.53
CA SER A 61 -10.45 -29.71 14.93
CA SER A 61 -10.43 -29.72 14.94
C SER A 61 -9.64 -28.62 15.65
N ASN A 62 -8.84 -27.88 14.88
CA ASN A 62 -8.24 -26.63 15.37
C ASN A 62 -9.33 -25.63 15.69
N GLU A 63 -9.06 -24.71 16.60
CA GLU A 63 -10.10 -23.84 17.09
C GLU A 63 -9.61 -22.40 17.01
N CYS A 64 -10.47 -21.49 16.52
CA CYS A 64 -10.27 -20.03 16.76
C CYS A 64 -11.21 -19.57 17.91
N ASP A 65 -10.61 -18.98 18.94
CA ASP A 65 -11.32 -18.50 20.14
C ASP A 65 -10.79 -17.15 20.52
N ALA A 66 -11.62 -16.14 20.32
CA ALA A 66 -11.23 -14.78 20.44
C ALA A 66 -10.81 -14.44 21.91
N SER A 67 -11.25 -15.30 22.84
CA SER A 67 -11.07 -15.07 24.28
C SER A 67 -9.76 -15.65 24.81
N ASN A 68 -9.11 -16.48 24.03
CA ASN A 68 -7.89 -17.13 24.42
C ASN A 68 -6.73 -16.65 23.52
N PRO A 69 -5.72 -15.92 24.06
CA PRO A 69 -4.58 -15.40 23.25
C PRO A 69 -3.89 -16.41 22.40
N ASP A 70 -3.87 -17.68 22.84
CA ASP A 70 -3.28 -18.73 22.07
C ASP A 70 -4.03 -19.11 20.81
N LEU A 71 -5.31 -18.74 20.79
CA LEU A 71 -6.18 -19.15 19.75
C LEU A 71 -6.90 -17.98 19.08
N ALA A 72 -6.48 -16.78 19.38
CA ALA A 72 -7.18 -15.59 18.83
C ALA A 72 -6.39 -15.06 17.62
N HIS A 73 -7.12 -14.43 16.71
CA HIS A 73 -6.51 -13.91 15.39
C HIS A 73 -6.99 -12.51 15.06
N PRO A 74 -6.64 -11.54 15.92
CA PRO A 74 -7.09 -10.17 15.72
C PRO A 74 -6.32 -9.49 14.55
N PRO A 75 -6.86 -8.40 14.06
CA PRO A 75 -6.26 -7.74 12.86
C PRO A 75 -4.81 -7.32 13.06
N ARG A 76 -4.37 -6.99 14.29
CA ARG A 76 -3.00 -6.52 14.44
CA ARG A 76 -3.00 -6.53 14.47
C ARG A 76 -1.94 -7.57 14.03
N LEU A 77 -2.29 -8.88 14.03
CA LEU A 77 -1.36 -9.89 13.58
C LEU A 77 -0.99 -9.74 12.09
N MET A 78 -1.65 -8.88 11.34
CA MET A 78 -1.30 -8.71 9.92
C MET A 78 0.00 -7.84 9.81
N PHE A 79 0.47 -7.23 10.91
CA PHE A 79 1.52 -6.20 10.80
C PHE A 79 2.71 -6.43 11.74
N ASP A 80 2.67 -7.52 12.49
CA ASP A 80 3.65 -7.73 13.54
C ASP A 80 5.00 -8.26 13.00
N LYS A 81 5.96 -8.37 13.93
CA LYS A 81 7.23 -9.03 13.59
C LYS A 81 7.08 -10.48 13.89
N GLU A 82 7.49 -11.35 12.99
CA GLU A 82 7.26 -12.80 13.16
C GLU A 82 8.60 -13.49 13.37
N GLU A 83 8.63 -14.33 14.38
CA GLU A 83 9.80 -15.14 14.55
CA GLU A 83 9.71 -15.27 14.70
C GLU A 83 9.75 -16.43 13.71
N GLU A 84 10.93 -16.97 13.41
CA GLU A 84 11.01 -18.12 12.53
CA GLU A 84 11.03 -18.13 12.55
C GLU A 84 10.09 -19.28 13.03
N GLY A 85 9.34 -19.87 12.10
CA GLY A 85 8.47 -21.00 12.39
C GLY A 85 7.10 -20.61 12.97
N LEU A 86 6.83 -19.31 13.14
CA LEU A 86 5.60 -18.88 13.86
C LEU A 86 4.90 -17.70 13.11
N ALA A 87 4.37 -17.98 11.92
CA ALA A 87 3.48 -16.97 11.25
C ALA A 87 2.30 -16.66 12.17
N THR A 88 1.87 -15.42 12.18
CA THR A 88 0.69 -15.04 13.01
C THR A 88 -0.25 -14.34 12.04
N TYR A 89 -1.52 -14.61 12.18
CA TYR A 89 -2.42 -14.08 11.17
C TYR A 89 -3.78 -13.69 11.70
N TRP A 90 -4.36 -12.70 11.05
CA TRP A 90 -5.79 -12.39 11.19
C TRP A 90 -6.49 -13.51 10.53
N GLN A 91 -7.69 -13.86 11.05
CA GLN A 91 -8.43 -14.97 10.38
C GLN A 91 -9.93 -14.68 10.42
N SER A 92 -10.60 -14.85 9.30
CA SER A 92 -12.07 -14.66 9.23
C SER A 92 -12.81 -15.89 9.79
N ILE A 93 -14.14 -15.74 10.01
CA ILE A 93 -14.90 -16.94 10.25
C ILE A 93 -14.86 -17.80 9.03
N THR A 94 -15.19 -19.10 9.19
CA THR A 94 -15.27 -19.96 8.01
C THR A 94 -16.45 -19.68 7.18
N TRP A 95 -16.55 -20.30 6.02
CA TRP A 95 -17.68 -20.01 5.15
C TRP A 95 -18.98 -20.81 5.56
N SER A 96 -19.22 -20.85 6.84
CA SER A 96 -20.39 -21.63 7.37
C SER A 96 -21.72 -21.05 6.85
N ARG A 97 -21.72 -19.82 6.32
CA ARG A 97 -22.93 -19.18 5.75
CA ARG A 97 -22.95 -19.21 5.81
C ARG A 97 -23.16 -19.47 4.29
N TYR A 98 -22.28 -20.29 3.68
CA TYR A 98 -22.35 -20.59 2.24
C TYR A 98 -23.83 -21.02 1.95
N PRO A 99 -24.48 -20.56 0.86
CA PRO A 99 -24.01 -19.89 -0.34
C PRO A 99 -24.02 -18.36 -0.24
N SER A 100 -24.27 -17.82 0.95
CA SER A 100 -24.09 -16.32 1.20
C SER A 100 -22.54 -16.06 1.00
N PRO A 101 -22.16 -14.98 0.31
CA PRO A 101 -20.74 -14.65 0.07
C PRO A 101 -19.97 -14.56 1.34
N LEU A 102 -18.67 -14.94 1.27
CA LEU A 102 -17.83 -14.69 2.39
C LEU A 102 -16.95 -13.46 2.01
N GLU A 103 -17.26 -12.32 2.62
CA GLU A 103 -16.74 -10.99 2.16
C GLU A 103 -16.15 -10.29 3.36
N ALA A 104 -14.94 -9.72 3.21
CA ALA A 104 -14.37 -8.95 4.28
C ALA A 104 -13.68 -7.72 3.61
N ASN A 105 -13.74 -6.57 4.31
CA ASN A 105 -12.97 -5.36 3.86
C ASN A 105 -11.89 -5.13 4.90
N ILE A 106 -10.67 -4.92 4.42
CA ILE A 106 -9.63 -4.58 5.34
C ILE A 106 -9.14 -3.18 4.92
N THR A 107 -9.27 -2.19 5.80
CA THR A 107 -8.99 -0.80 5.38
C THR A 107 -7.69 -0.44 6.13
N LEU A 108 -6.73 0.04 5.36
CA LEU A 108 -5.43 0.39 5.88
C LEU A 108 -5.27 1.92 5.71
N SER A 109 -5.11 2.61 6.83
CA SER A 109 -5.18 4.10 6.85
C SER A 109 -3.93 4.68 7.42
N TRP A 110 -3.41 5.79 6.77
CA TRP A 110 -2.23 6.47 7.30
C TRP A 110 -2.54 7.93 7.75
N ASN A 111 -3.71 8.44 7.34
CA ASN A 111 -4.12 9.87 7.64
C ASN A 111 -2.98 10.83 7.21
N LYS A 112 -2.37 10.47 6.06
CA LYS A 112 -1.14 11.14 5.54
C LYS A 112 -0.92 10.60 4.17
N THR A 113 -0.66 11.50 3.24
CA THR A 113 -0.32 11.07 1.92
CA THR A 113 -0.31 11.00 1.89
C THR A 113 1.09 10.38 1.86
N VAL A 114 1.16 9.16 1.28
CA VAL A 114 2.41 8.40 1.19
C VAL A 114 2.58 7.93 -0.25
N GLU A 115 3.82 7.61 -0.65
CA GLU A 115 4.13 7.25 -2.02
C GLU A 115 4.74 5.87 -1.99
N LEU A 116 4.16 4.88 -2.68
CA LEU A 116 4.74 3.53 -2.68
C LEU A 116 6.03 3.54 -3.46
N THR A 117 7.00 2.80 -2.95
CA THR A 117 8.31 2.68 -3.67
C THR A 117 8.65 1.23 -3.98
N ASP A 118 7.81 0.31 -3.45
CA ASP A 118 8.00 -1.10 -3.83
C ASP A 118 6.64 -1.78 -3.70
N ASP A 119 6.61 -3.07 -4.06
CA ASP A 119 5.33 -3.76 -4.23
C ASP A 119 4.62 -3.83 -2.91
N VAL A 120 3.30 -3.79 -2.99
CA VAL A 120 2.48 -4.11 -1.79
C VAL A 120 2.35 -5.64 -1.84
N VAL A 121 2.62 -6.31 -0.72
CA VAL A 121 2.59 -7.80 -0.69
C VAL A 121 1.65 -8.18 0.43
N MET A 122 0.61 -8.91 0.06
CA MET A 122 -0.43 -9.31 1.01
C MET A 122 -0.32 -10.83 1.08
N THR A 123 0.03 -11.37 2.26
CA THR A 123 0.33 -12.80 2.35
C THR A 123 -0.80 -13.54 3.08
N PHE A 124 -1.33 -14.56 2.39
CA PHE A 124 -2.50 -15.32 2.90
C PHE A 124 -1.98 -16.65 3.32
N GLU A 125 -2.54 -17.17 4.43
CA GLU A 125 -2.11 -18.50 4.87
C GLU A 125 -3.08 -19.63 4.48
N TYR A 126 -4.33 -19.40 4.27
CA TYR A 126 -4.90 -20.80 3.83
C TYR A 126 -5.53 -20.71 2.50
N GLY A 127 -4.75 -20.17 1.54
CA GLY A 127 -5.36 -19.90 0.25
C GLY A 127 -5.57 -18.40 -0.04
N ARG A 128 -5.02 -17.92 -1.16
CA ARG A 128 -5.36 -16.58 -1.54
C ARG A 128 -6.82 -16.47 -2.05
N PRO A 129 -7.38 -15.26 -2.05
CA PRO A 129 -8.76 -15.09 -2.57
C PRO A 129 -8.88 -15.46 -4.02
N THR A 130 -10.05 -15.97 -4.38
CA THR A 130 -10.38 -16.14 -5.79
C THR A 130 -10.84 -14.86 -6.38
N VAL A 131 -11.35 -13.92 -5.58
CA VAL A 131 -11.75 -12.65 -6.12
C VAL A 131 -11.52 -11.58 -5.06
N MET A 132 -10.74 -10.55 -5.42
CA MET A 132 -10.60 -9.40 -4.52
C MET A 132 -10.31 -8.13 -5.32
N VAL A 133 -10.63 -6.96 -4.74
CA VAL A 133 -10.24 -5.69 -5.34
C VAL A 133 -9.34 -4.95 -4.36
N LEU A 134 -8.19 -4.44 -4.83
CA LEU A 134 -7.45 -3.50 -4.00
C LEU A 134 -7.89 -2.10 -4.41
N GLU A 135 -8.39 -1.30 -3.46
CA GLU A 135 -8.85 0.09 -3.70
C GLU A 135 -7.92 1.06 -3.01
N LYS A 136 -7.87 2.34 -3.46
CA LYS A 136 -7.16 3.30 -2.67
C LYS A 136 -8.02 4.57 -2.55
N SER A 137 -7.58 5.37 -1.60
CA SER A 137 -8.13 6.71 -1.39
C SER A 137 -6.94 7.67 -1.35
N LEU A 138 -7.20 8.90 -1.80
CA LEU A 138 -6.22 10.00 -1.66
C LEU A 138 -6.77 11.10 -0.73
N ASP A 139 -7.95 10.93 -0.18
CA ASP A 139 -8.58 11.98 0.64
C ASP A 139 -9.08 11.42 1.97
N ASN A 140 -8.31 10.49 2.55
CA ASN A 140 -8.65 9.92 3.87
C ASN A 140 -9.97 9.20 3.97
N GLY A 141 -10.35 8.55 2.89
CA GLY A 141 -11.47 7.63 2.83
C GLY A 141 -12.80 8.35 2.51
N ARG A 142 -12.75 9.65 2.19
CA ARG A 142 -13.95 10.35 1.59
C ARG A 142 -14.40 9.73 0.25
N THR A 143 -13.47 9.47 -0.66
CA THR A 143 -13.75 8.80 -1.90
C THR A 143 -12.77 7.65 -2.10
N TRP A 144 -13.20 6.64 -2.87
CA TRP A 144 -12.39 5.47 -3.17
C TRP A 144 -12.35 5.24 -4.66
N GLN A 145 -11.30 4.59 -5.16
CA GLN A 145 -11.25 4.17 -6.54
CA GLN A 145 -11.25 4.18 -6.55
C GLN A 145 -10.54 2.83 -6.59
N PRO A 146 -10.82 2.01 -7.63
CA PRO A 146 -10.16 0.71 -7.78
C PRO A 146 -8.69 0.96 -8.14
N TYR A 147 -7.82 0.13 -7.54
CA TYR A 147 -6.37 0.24 -7.77
C TYR A 147 -5.87 -0.93 -8.54
N GLN A 148 -6.34 -2.15 -8.22
CA GLN A 148 -6.03 -3.35 -9.05
C GLN A 148 -7.13 -4.37 -8.69
N PHE A 149 -7.56 -5.05 -9.71
CA PHE A 149 -8.55 -6.13 -9.57
C PHE A 149 -7.86 -7.47 -9.62
N TYR A 150 -8.39 -8.47 -8.90
CA TYR A 150 -7.72 -9.79 -8.83
C TYR A 150 -8.81 -10.85 -8.96
N ALA A 151 -8.66 -11.79 -9.90
CA ALA A 151 -9.72 -12.82 -10.00
C ALA A 151 -9.22 -14.03 -10.66
N GLU A 152 -9.80 -15.19 -10.29
CA GLU A 152 -9.47 -16.42 -11.01
C GLU A 152 -9.84 -16.24 -12.50
N ASP A 153 -10.85 -15.48 -12.76
CA ASP A 153 -11.34 -15.26 -14.12
C ASP A 153 -11.80 -13.83 -14.18
N CYS A 154 -10.93 -12.98 -14.75
CA CYS A 154 -11.16 -11.57 -14.79
C CYS A 154 -12.41 -11.21 -15.59
N MET A 155 -12.67 -11.98 -16.67
CA MET A 155 -13.87 -11.64 -17.47
C MET A 155 -15.16 -11.91 -16.69
N GLU A 156 -15.23 -13.10 -16.13
CA GLU A 156 -16.40 -13.54 -15.39
C GLU A 156 -16.60 -12.56 -14.24
N ALA A 157 -15.52 -12.25 -13.50
CA ALA A 157 -15.65 -11.48 -12.25
C ALA A 157 -15.95 -9.99 -12.50
N PHE A 158 -15.25 -9.35 -13.44
CA PHE A 158 -15.33 -7.88 -13.52
C PHE A 158 -15.57 -7.36 -14.95
N GLY A 159 -15.67 -8.29 -15.91
CA GLY A 159 -15.85 -7.91 -17.31
C GLY A 159 -14.58 -7.32 -17.91
N MET A 160 -13.42 -7.75 -17.39
CA MET A 160 -12.15 -7.17 -17.72
C MET A 160 -11.29 -8.24 -18.29
N SER A 161 -10.31 -7.87 -19.12
CA SER A 161 -9.40 -8.88 -19.65
C SER A 161 -8.33 -9.17 -18.61
N ALA A 162 -7.75 -10.37 -18.64
CA ALA A 162 -6.64 -10.71 -17.74
C ALA A 162 -5.31 -10.04 -18.21
N ARG A 163 -4.73 -9.17 -17.40
CA ARG A 163 -3.46 -8.49 -17.83
C ARG A 163 -2.39 -8.61 -16.77
N ARG A 164 -1.19 -8.15 -17.09
CA ARG A 164 -0.08 -8.14 -16.13
C ARG A 164 0.52 -6.72 -16.17
N ALA A 165 0.94 -6.18 -15.01
CA ALA A 165 1.54 -4.85 -14.95
C ALA A 165 2.79 -4.74 -15.88
N ARG A 166 3.61 -5.78 -15.90
CA ARG A 166 4.84 -5.72 -16.70
C ARG A 166 4.57 -5.67 -18.24
N ASP A 167 3.31 -5.84 -18.61
CA ASP A 167 2.90 -5.74 -20.01
C ASP A 167 2.50 -4.32 -20.40
N MET A 168 2.43 -3.38 -19.44
CA MET A 168 1.97 -2.01 -19.71
C MET A 168 3.12 -1.24 -20.37
N SER A 169 2.78 -0.19 -21.13
CA SER A 169 3.76 0.54 -21.92
C SER A 169 3.83 1.88 -21.23
N SER A 170 4.79 2.72 -21.63
CA SER A 170 4.87 4.11 -21.10
C SER A 170 3.54 4.86 -20.97
N SER A 171 2.64 4.77 -21.95
CA SER A 171 1.37 5.53 -21.86
C SER A 171 0.29 4.85 -21.00
N SER A 172 0.54 3.60 -20.60
CA SER A 172 -0.42 2.79 -19.79
C SER A 172 0.21 2.39 -18.40
N ALA A 173 1.26 3.09 -17.98
CA ALA A 173 1.98 2.70 -16.73
C ALA A 173 1.12 2.91 -15.49
N HIS A 174 0.12 3.79 -15.56
CA HIS A 174 -0.85 4.06 -14.46
C HIS A 174 -2.23 3.47 -14.77
N ARG A 175 -2.32 2.51 -15.70
CA ARG A 175 -3.62 1.94 -16.00
C ARG A 175 -4.06 0.94 -14.89
N VAL A 176 -5.31 1.01 -14.44
CA VAL A 176 -5.84 0.04 -13.44
C VAL A 176 -6.19 -1.22 -14.21
N LEU A 177 -5.74 -2.38 -13.75
CA LEU A 177 -5.96 -3.62 -14.45
C LEU A 177 -6.52 -4.73 -13.58
N CYS A 178 -7.00 -5.79 -14.25
CA CYS A 178 -7.34 -7.06 -13.62
C CYS A 178 -6.28 -8.09 -13.92
N THR A 179 -5.73 -8.79 -12.90
CA THR A 179 -4.80 -9.85 -13.12
C THR A 179 -5.28 -11.21 -12.54
N GLU A 180 -4.96 -12.32 -13.20
CA GLU A 180 -5.38 -13.63 -12.68
C GLU A 180 -4.17 -14.30 -12.03
N GLU A 181 -3.02 -13.62 -12.04
CA GLU A 181 -1.76 -14.22 -11.67
C GLU A 181 -1.68 -14.70 -10.20
N TYR A 182 -2.46 -14.10 -9.32
CA TYR A 182 -2.31 -14.44 -7.88
C TYR A 182 -3.57 -15.15 -7.37
N SER A 183 -4.49 -15.48 -8.28
CA SER A 183 -5.88 -15.94 -7.89
C SER A 183 -6.41 -17.17 -8.63
N ARG A 184 -6.08 -17.34 -9.92
CA ARG A 184 -6.44 -18.57 -10.64
C ARG A 184 -5.66 -19.75 -10.02
N TRP A 185 -6.38 -20.79 -9.55
CA TRP A 185 -5.76 -21.95 -8.85
CA TRP A 185 -5.81 -21.96 -8.82
C TRP A 185 -5.67 -21.79 -7.29
N ALA A 186 -5.93 -20.56 -6.74
CA ALA A 186 -5.82 -20.22 -5.29
C ALA A 186 -6.33 -21.36 -4.36
N GLY A 187 -5.50 -21.80 -3.42
CA GLY A 187 -5.88 -22.86 -2.50
C GLY A 187 -5.07 -24.11 -2.81
N SER A 188 -4.47 -24.17 -4.00
CA SER A 188 -3.77 -25.42 -4.40
C SER A 188 -2.21 -25.33 -4.51
N LYS A 189 -1.65 -24.14 -4.71
CA LYS A 189 -0.17 -24.02 -4.86
C LYS A 189 0.65 -23.67 -3.59
N LYS A 190 -0.03 -23.15 -2.57
CA LYS A 190 0.61 -22.58 -1.38
C LYS A 190 1.60 -21.47 -1.77
N GLU A 191 1.28 -20.67 -2.75
CA GLU A 191 2.14 -19.50 -3.02
C GLU A 191 1.99 -18.28 -2.07
N LYS A 192 0.83 -18.18 -1.45
CA LYS A 192 0.61 -17.23 -0.38
C LYS A 192 0.53 -15.76 -0.73
N HIS A 193 1.37 -15.25 -1.65
CA HIS A 193 1.43 -13.73 -1.80
C HIS A 193 0.56 -13.27 -2.93
N VAL A 194 -0.18 -12.18 -2.65
CA VAL A 194 -0.89 -11.38 -3.72
C VAL A 194 -0.08 -10.09 -3.78
N ARG A 195 0.29 -9.67 -4.99
CA ARG A 195 1.08 -8.40 -5.10
C ARG A 195 0.38 -7.27 -5.78
N PHE A 196 0.67 -6.03 -5.36
CA PHE A 196 0.40 -4.90 -6.22
C PHE A 196 1.77 -4.43 -6.74
N GLU A 197 1.99 -4.58 -8.06
CA GLU A 197 3.32 -4.50 -8.67
C GLU A 197 3.57 -2.94 -8.84
N VAL A 198 4.60 -2.51 -8.15
CA VAL A 198 5.07 -1.17 -8.27
C VAL A 198 6.37 -1.23 -9.04
N ARG A 199 7.24 -2.11 -8.59
CA ARG A 199 8.52 -2.23 -9.24
C ARG A 199 8.39 -2.53 -10.77
N ASP A 200 7.46 -3.41 -11.19
CA ASP A 200 7.17 -3.62 -12.63
C ASP A 200 6.77 -2.36 -13.36
N ARG A 201 6.04 -1.50 -12.66
CA ARG A 201 5.60 -0.26 -13.33
C ARG A 201 6.78 0.73 -13.42
N PHE A 202 7.65 0.76 -12.39
CA PHE A 202 8.86 1.63 -12.43
C PHE A 202 9.74 1.14 -13.62
N ALA A 203 9.91 -0.19 -13.74
CA ALA A 203 10.65 -0.77 -14.85
C ALA A 203 10.21 -0.33 -16.25
N ILE A 204 8.95 0.08 -16.46
CA ILE A 204 8.48 0.56 -17.76
C ILE A 204 9.42 1.71 -18.23
N PHE A 205 9.82 2.52 -17.25
CA PHE A 205 10.75 3.66 -17.39
C PHE A 205 12.21 3.43 -17.08
N ALA A 206 12.51 2.70 -16.00
CA ALA A 206 13.87 2.49 -15.56
C ALA A 206 14.54 1.23 -16.14
N GLY A 207 13.84 0.52 -16.99
CA GLY A 207 14.33 -0.77 -17.46
C GLY A 207 14.12 -1.95 -16.49
N PRO A 208 14.20 -3.20 -17.03
CA PRO A 208 14.13 -4.40 -16.20
C PRO A 208 15.03 -4.46 -14.96
N ASP A 209 16.19 -3.84 -14.97
CA ASP A 209 17.08 -3.88 -13.83
C ASP A 209 16.98 -2.61 -12.99
N LEU A 210 16.01 -1.74 -13.33
CA LEU A 210 15.83 -0.43 -12.69
C LEU A 210 17.07 0.46 -12.70
N ARG A 211 17.89 0.33 -13.73
CA ARG A 211 19.12 1.10 -13.69
C ARG A 211 18.96 2.52 -14.28
N ASN A 212 17.96 2.72 -15.12
CA ASN A 212 17.75 4.00 -15.68
C ASN A 212 16.78 4.88 -14.80
N MET A 213 17.21 5.17 -13.57
CA MET A 213 16.43 6.02 -12.66
C MET A 213 16.30 7.44 -13.19
N ASP A 214 17.29 7.92 -13.96
CA ASP A 214 17.11 9.19 -14.61
C ASP A 214 15.86 9.30 -15.40
N ASN A 215 15.53 8.28 -16.21
CA ASN A 215 14.35 8.34 -17.02
C ASN A 215 13.06 8.22 -16.14
N LEU A 216 13.13 7.43 -15.06
CA LEU A 216 11.92 7.33 -14.20
C LEU A 216 11.67 8.68 -13.52
N TYR A 217 12.72 9.26 -12.93
CA TYR A 217 12.56 10.61 -12.32
C TYR A 217 12.03 11.62 -13.31
N THR A 218 12.50 11.60 -14.57
CA THR A 218 12.02 12.55 -15.54
C THR A 218 10.55 12.36 -15.85
N ARG A 219 10.12 11.10 -16.07
CA ARG A 219 8.72 10.78 -16.27
CA ARG A 219 8.70 10.82 -16.27
C ARG A 219 7.88 11.11 -15.01
N LEU A 220 8.43 10.85 -13.83
CA LEU A 220 7.64 11.20 -12.60
C LEU A 220 7.40 12.68 -12.56
N GLU A 221 8.39 13.47 -13.01
CA GLU A 221 8.14 14.93 -13.03
C GLU A 221 7.16 15.30 -14.09
N SER A 222 7.30 14.70 -15.23
CA SER A 222 6.62 15.24 -16.40
CA SER A 222 6.63 15.23 -16.43
C SER A 222 5.36 14.52 -16.82
N ALA A 223 5.29 13.21 -16.57
CA ALA A 223 4.07 12.48 -16.96
C ALA A 223 2.91 12.75 -15.97
N LYS A 224 1.79 13.24 -16.50
CA LYS A 224 0.72 13.73 -15.65
C LYS A 224 0.13 12.46 -15.08
N GLY A 225 -0.12 12.43 -13.79
CA GLY A 225 -0.76 11.23 -13.27
C GLY A 225 0.16 10.10 -12.80
N LEU A 226 1.42 10.05 -13.30
CA LEU A 226 2.31 8.95 -12.93
C LEU A 226 2.68 8.94 -11.41
N LYS A 227 3.10 10.08 -10.88
CA LYS A 227 3.51 10.11 -9.50
C LYS A 227 2.29 9.93 -8.64
N GLU A 228 1.17 10.54 -9.06
CA GLU A 228 -0.06 10.45 -8.31
CA GLU A 228 -0.08 10.44 -8.34
C GLU A 228 -0.54 8.97 -8.26
N PHE A 229 -0.28 8.22 -9.33
CA PHE A 229 -0.76 6.82 -9.34
C PHE A 229 -0.16 6.08 -8.11
N PHE A 230 1.11 6.36 -7.78
CA PHE A 230 1.72 5.73 -6.59
C PHE A 230 1.39 6.33 -5.23
N THR A 231 0.51 7.30 -5.20
CA THR A 231 0.26 8.08 -3.98
C THR A 231 -1.11 7.68 -3.38
N LEU A 232 -1.20 7.74 -2.05
CA LEU A 232 -2.48 7.31 -1.39
C LEU A 232 -2.45 7.77 0.02
N THR A 233 -3.64 7.94 0.63
CA THR A 233 -3.75 8.06 2.06
C THR A 233 -4.27 6.77 2.71
N ASP A 234 -4.88 5.92 1.86
CA ASP A 234 -5.47 4.65 2.42
C ASP A 234 -5.50 3.57 1.34
N LEU A 235 -5.48 2.29 1.75
CA LEU A 235 -5.70 1.23 0.77
C LEU A 235 -6.89 0.43 1.41
N ARG A 236 -7.59 -0.35 0.56
CA ARG A 236 -8.60 -1.25 1.10
CA ARG A 236 -8.62 -1.23 1.07
C ARG A 236 -8.57 -2.55 0.33
N MET A 237 -8.51 -3.65 1.07
CA MET A 237 -8.60 -4.96 0.42
C MET A 237 -10.08 -5.36 0.55
N ARG A 238 -10.77 -5.43 -0.58
CA ARG A 238 -12.18 -5.78 -0.63
C ARG A 238 -12.15 -7.28 -1.06
N LEU A 239 -12.20 -8.15 -0.07
CA LEU A 239 -12.05 -9.61 -0.27
C LEU A 239 -13.48 -10.07 -0.65
N LEU A 240 -13.60 -10.72 -1.78
CA LEU A 240 -14.98 -11.02 -2.25
C LEU A 240 -15.27 -12.53 -2.30
N ARG A 241 -14.25 -13.36 -2.49
CA ARG A 241 -14.44 -14.84 -2.48
C ARG A 241 -13.16 -15.49 -2.08
N PRO A 242 -13.19 -16.47 -1.16
CA PRO A 242 -12.00 -17.10 -0.67
C PRO A 242 -11.46 -18.16 -1.62
N ALA A 243 -10.31 -18.75 -1.27
CA ALA A 243 -9.68 -19.76 -2.13
C ALA A 243 -10.63 -20.97 -2.29
N LEU A 244 -10.66 -21.54 -3.49
CA LEU A 244 -11.48 -22.76 -3.76
C LEU A 244 -10.60 -23.99 -4.06
N GLY A 245 -9.31 -23.77 -4.22
CA GLY A 245 -8.43 -24.94 -4.48
C GLY A 245 -8.61 -25.40 -5.90
N GLY A 246 -9.16 -24.53 -6.74
CA GLY A 246 -9.41 -24.78 -8.18
C GLY A 246 -10.43 -25.87 -8.46
N THR A 247 -11.39 -26.05 -7.52
CA THR A 247 -12.43 -27.07 -7.66
C THR A 247 -13.69 -26.44 -7.05
N TYR A 248 -14.81 -27.16 -7.14
CA TYR A 248 -16.11 -26.66 -6.70
C TYR A 248 -16.11 -26.72 -5.16
N VAL A 249 -16.95 -25.89 -4.54
CA VAL A 249 -17.11 -25.86 -3.04
C VAL A 249 -17.62 -27.23 -2.53
N GLN A 250 -16.98 -27.76 -1.49
CA GLN A 250 -17.40 -29.05 -0.89
C GLN A 250 -18.37 -28.62 0.22
N ARG A 251 -19.65 -28.76 -0.08
CA ARG A 251 -20.68 -28.26 0.89
C ARG A 251 -20.61 -28.90 2.21
N GLU A 252 -20.26 -30.20 2.27
CA GLU A 252 -20.13 -30.85 3.59
C GLU A 252 -18.83 -30.60 4.36
N ASN A 253 -17.98 -29.65 3.90
CA ASN A 253 -16.85 -29.24 4.73
C ASN A 253 -16.55 -27.78 4.53
N LEU A 254 -17.46 -26.94 5.06
CA LEU A 254 -17.29 -25.49 4.84
C LEU A 254 -16.15 -24.97 5.72
N TYR A 255 -15.64 -25.81 6.63
CA TYR A 255 -14.64 -25.39 7.58
C TYR A 255 -13.29 -25.21 6.91
N LYS A 256 -13.11 -25.64 5.68
CA LYS A 256 -11.80 -25.38 5.09
C LYS A 256 -11.74 -24.05 4.39
N TYR A 257 -12.87 -23.33 4.30
CA TYR A 257 -12.82 -22.06 3.53
C TYR A 257 -12.84 -20.86 4.49
N PHE A 258 -11.82 -20.00 4.40
CA PHE A 258 -11.73 -18.83 5.27
C PHE A 258 -10.57 -17.97 4.77
N TYR A 259 -10.51 -16.71 5.21
CA TYR A 259 -9.35 -15.84 4.81
C TYR A 259 -8.45 -15.84 5.98
N ALA A 260 -7.10 -15.84 5.76
CA ALA A 260 -6.21 -15.73 6.90
C ALA A 260 -5.04 -14.93 6.32
N ILE A 261 -4.77 -13.79 6.93
CA ILE A 261 -3.70 -12.92 6.38
C ILE A 261 -2.63 -12.82 7.46
N SER A 262 -1.41 -13.24 7.11
CA SER A 262 -0.36 -13.13 8.07
C SER A 262 0.48 -11.91 8.00
N ASN A 263 0.51 -11.27 6.84
CA ASN A 263 1.38 -10.08 6.75
C ASN A 263 0.92 -9.20 5.57
N ILE A 264 0.92 -7.87 5.80
CA ILE A 264 0.71 -6.94 4.67
C ILE A 264 1.90 -5.98 4.71
N GLU A 265 2.71 -6.06 3.65
CA GLU A 265 3.98 -5.23 3.64
C GLU A 265 3.70 -4.05 2.65
N VAL A 266 3.86 -2.83 3.18
CA VAL A 266 3.64 -1.57 2.46
C VAL A 266 4.92 -0.77 2.67
N ILE A 267 5.52 -0.42 1.54
CA ILE A 267 6.85 0.21 1.63
C ILE A 267 6.79 1.48 0.77
N GLY A 268 7.26 2.56 1.40
CA GLY A 268 7.22 3.86 0.63
C GLY A 268 7.60 5.00 1.58
N ARG A 269 7.46 6.24 1.10
CA ARG A 269 7.81 7.40 1.91
C ARG A 269 6.64 8.38 1.98
N CYS A 270 6.66 9.26 2.98
CA CYS A 270 5.73 10.37 3.00
C CYS A 270 5.84 11.22 1.72
N LYS A 271 4.69 11.72 1.26
CA LYS A 271 4.65 12.73 0.25
C LYS A 271 4.93 14.09 0.93
N CYS A 272 6.05 14.73 0.52
CA CYS A 272 6.42 16.08 1.04
C CYS A 272 6.68 17.10 -0.07
N ASN A 273 6.25 16.79 -1.29
CA ASN A 273 6.28 17.73 -2.44
C ASN A 273 7.69 18.21 -2.70
N LEU A 274 8.66 17.33 -2.48
CA LEU A 274 10.09 17.67 -2.64
C LEU A 274 10.59 18.84 -1.74
N HIS A 275 9.94 19.01 -0.59
CA HIS A 275 10.24 20.04 0.39
C HIS A 275 10.57 19.53 1.81
N ALA A 276 10.83 18.23 2.00
CA ALA A 276 11.23 17.78 3.35
C ALA A 276 12.05 16.50 3.19
N ASN A 277 13.06 16.31 4.05
CA ASN A 277 13.75 14.97 4.05
C ASN A 277 13.50 14.22 5.38
N LEU A 278 12.61 14.75 6.23
CA LEU A 278 12.17 14.04 7.42
C LEU A 278 10.67 14.06 7.51
N CYS A 279 10.13 12.91 7.91
CA CYS A 279 8.70 12.84 8.15
C CYS A 279 8.49 12.00 9.44
N SER A 280 7.72 12.52 10.39
CA SER A 280 7.68 11.91 11.72
C SER A 280 6.32 12.06 12.36
N MET A 281 6.09 11.24 13.38
CA MET A 281 4.78 11.22 14.06
C MET A 281 4.62 12.53 14.84
N ARG A 282 3.52 13.23 14.62
CA ARG A 282 3.27 14.45 15.34
C ARG A 282 1.77 14.43 15.60
N GLU A 283 1.40 14.45 16.88
CA GLU A 283 -0.01 14.54 17.24
C GLU A 283 -0.74 13.28 16.71
N GLY A 284 -0.05 12.12 16.72
CA GLY A 284 -0.63 10.82 16.39
C GLY A 284 -0.65 10.40 14.94
N SER A 285 -0.12 11.24 14.02
CA SER A 285 -0.05 10.83 12.61
C SER A 285 1.23 11.41 11.99
N LEU A 286 1.74 10.73 10.99
CA LEU A 286 2.95 11.20 10.28
C LEU A 286 2.71 12.60 9.67
N GLN A 287 3.73 13.45 9.71
CA GLN A 287 3.65 14.77 9.04
C GLN A 287 5.06 15.09 8.62
N CYS A 288 5.15 15.77 7.48
CA CYS A 288 6.51 16.12 6.99
C CYS A 288 7.11 17.23 7.93
N GLU A 289 8.39 17.26 8.01
CA GLU A 289 9.08 18.41 8.72
C GLU A 289 9.51 19.41 7.65
N CYS A 290 8.62 20.35 7.35
CA CYS A 290 8.77 21.08 6.06
C CYS A 290 9.91 22.06 6.04
N GLU A 291 10.60 22.11 4.88
CA GLU A 291 11.69 23.07 4.67
C GLU A 291 11.26 24.01 3.49
N HIS A 292 12.17 24.85 3.00
CA HIS A 292 11.90 25.75 1.86
C HIS A 292 10.77 26.74 2.15
N ASN A 293 10.59 27.08 3.45
CA ASN A 293 9.56 27.99 3.89
C ASN A 293 8.13 27.50 3.59
N THR A 294 7.94 26.17 3.61
CA THR A 294 6.63 25.65 3.37
C THR A 294 5.98 25.12 4.67
N THR A 295 4.72 24.79 4.62
CA THR A 295 4.00 24.27 5.74
C THR A 295 2.80 23.44 5.28
N GLY A 296 2.03 22.92 6.24
CA GLY A 296 0.92 22.01 5.96
C GLY A 296 1.52 20.59 6.07
N PRO A 297 0.68 19.57 6.37
CA PRO A 297 1.22 18.20 6.57
C PRO A 297 2.06 17.65 5.42
N ASP A 298 1.81 18.06 4.15
CA ASP A 298 2.60 17.59 2.97
C ASP A 298 3.51 18.69 2.35
N CYS A 299 3.69 19.78 3.10
CA CYS A 299 4.50 20.95 2.60
C CYS A 299 3.80 21.50 1.36
N GLY A 300 2.46 21.47 1.38
CA GLY A 300 1.71 21.86 0.20
C GLY A 300 1.26 23.32 0.15
N LYS A 301 1.72 24.08 1.11
CA LYS A 301 1.47 25.53 1.09
C LYS A 301 2.64 26.34 1.59
N CYS A 302 2.57 27.66 1.36
CA CYS A 302 3.61 28.57 1.81
C CYS A 302 3.31 29.05 3.22
N LYS A 303 4.37 29.13 4.02
CA LYS A 303 4.24 29.74 5.34
C LYS A 303 3.80 31.19 5.26
N LYS A 304 3.05 31.61 6.25
CA LYS A 304 2.58 32.99 6.36
C LYS A 304 3.50 34.10 6.02
N ASN A 305 4.77 34.06 6.28
CA ASN A 305 5.36 35.36 5.75
C ASN A 305 6.07 35.22 4.40
N PHE A 306 5.75 34.12 3.68
CA PHE A 306 6.55 33.78 2.53
C PHE A 306 5.57 33.55 1.37
N ARG A 307 4.57 34.44 1.25
CA ARG A 307 3.52 34.31 0.23
C ARG A 307 3.61 35.33 -0.92
N THR A 308 4.81 35.67 -1.34
CA THR A 308 4.95 36.59 -2.46
C THR A 308 4.59 36.01 -3.85
N ARG A 309 4.57 34.69 -3.95
CA ARG A 309 4.18 34.07 -5.21
CA ARG A 309 4.27 34.03 -5.21
C ARG A 309 3.55 32.71 -4.94
N SER A 310 2.93 32.13 -5.96
CA SER A 310 2.19 30.89 -5.76
CA SER A 310 2.18 30.91 -5.73
C SER A 310 3.12 29.80 -5.26
N TRP A 311 2.55 28.96 -4.41
CA TRP A 311 3.27 27.73 -3.96
C TRP A 311 3.58 26.84 -5.18
N ARG A 312 4.73 26.19 -5.13
CA ARG A 312 5.09 25.19 -6.12
C ARG A 312 5.64 23.99 -5.36
N ALA A 313 5.44 22.80 -5.96
CA ALA A 313 6.23 21.64 -5.52
C ALA A 313 7.67 21.82 -5.99
N GLY A 314 8.60 21.29 -5.21
CA GLY A 314 9.94 20.94 -5.65
C GLY A 314 9.87 20.07 -6.95
N SER A 315 10.94 20.08 -7.73
CA SER A 315 11.03 19.30 -8.96
C SER A 315 12.24 18.36 -8.88
N TYR A 316 12.15 17.13 -9.47
CA TYR A 316 13.30 16.30 -9.68
C TYR A 316 14.26 16.86 -10.72
N LEU A 317 13.77 17.78 -11.53
CA LEU A 317 14.54 18.28 -12.69
C LEU A 317 14.99 19.72 -12.44
N PRO A 318 16.10 20.11 -13.06
CA PRO A 318 16.93 19.30 -13.99
C PRO A 318 17.70 18.30 -13.24
N LEU A 319 17.99 17.16 -13.85
CA LEU A 319 18.84 16.16 -13.19
C LEU A 319 20.26 16.72 -13.08
N PRO A 320 21.03 16.32 -12.07
CA PRO A 320 20.78 15.33 -11.03
C PRO A 320 20.12 15.87 -9.76
N HIS A 321 20.12 17.18 -9.50
CA HIS A 321 19.69 17.71 -8.15
C HIS A 321 18.32 18.34 -8.07
N GLY A 322 17.65 18.49 -9.22
CA GLY A 322 16.34 19.04 -9.26
C GLY A 322 16.26 20.53 -8.98
N SER A 323 15.11 20.97 -8.48
CA SER A 323 14.91 22.37 -8.12
C SER A 323 14.06 22.44 -6.87
N PRO A 324 14.49 23.26 -5.88
CA PRO A 324 13.70 23.33 -4.59
C PRO A 324 12.38 24.07 -4.76
N ASN A 325 12.31 25.08 -5.66
CA ASN A 325 11.12 25.88 -5.75
C ASN A 325 10.53 26.35 -4.41
N ALA A 326 11.36 27.02 -3.63
CA ALA A 326 11.02 27.38 -2.25
C ALA A 326 10.01 28.53 -2.25
N CYS A 327 9.27 28.69 -1.16
CA CYS A 327 8.39 29.87 -1.04
C CYS A 327 9.30 31.09 -0.77
N ALA A 328 8.81 32.28 -1.10
CA ALA A 328 9.65 33.51 -1.09
C ALA A 328 8.99 34.57 -0.21
N ALA A 329 9.79 35.20 0.65
CA ALA A 329 9.32 36.39 1.38
C ALA A 329 9.57 37.62 0.50
N ALA A 330 8.97 38.75 0.86
CA ALA A 330 8.96 39.92 -0.06
C ALA A 330 10.36 40.50 -0.31
N GLY A 331 10.71 40.73 -1.57
CA GLY A 331 11.96 41.42 -1.91
C GLY A 331 13.14 40.47 -1.98
#